data_4E40
#
_entry.id   4E40
#
_cell.length_a   104.530
_cell.length_b   104.530
_cell.length_c   113.070
_cell.angle_alpha   90.00
_cell.angle_beta   90.00
_cell.angle_gamma   120.00
#
_symmetry.space_group_name_H-M   'P 65 2 2'
#
loop_
_entity.id
_entity.type
_entity.pdbx_description
1 polymer 'Putative uncharacterized protein'
2 water water
#
_entity_poly.entity_id   1
_entity_poly.type   'polypeptide(L)'
_entity_poly.pdbx_seq_one_letter_code
;AEGEIKVELEDSDDVAAACELRAQLAGVSIASGILLRPAVIRNATTEFSRKKSEDILAKGGAAVERASAAVDRVSGLDKT
NETAQKVRKAAAVAHHALEHVKEEVEIVAKKVNEIIELTAGATEHAKGAKANGDASAVKVSNLLARAKESENQYVKEAAE
ECSESTNYDVTAKSLAAALDKLPGVKEDNAVKTTFQSILTSLDNLDKDVKSVEQRAEELETALEKAERQLEKAEKAAEEA
ETESSKVETESS
;
_entity_poly.pdbx_strand_id   A
#
# COMPACT_ATOMS: atom_id res chain seq x y z
N GLY A 3 -32.12 -14.61 0.78
CA GLY A 3 -32.95 -15.22 1.87
C GLY A 3 -32.58 -14.74 3.28
N GLU A 4 -33.49 -14.96 4.21
CA GLU A 4 -33.32 -14.54 5.62
C GLU A 4 -32.59 -15.58 6.46
N ILE A 5 -31.93 -15.12 7.55
CA ILE A 5 -31.38 -16.00 8.55
C ILE A 5 -32.58 -16.81 9.14
N LYS A 6 -32.37 -18.12 9.31
CA LYS A 6 -33.49 -19.01 9.75
C LYS A 6 -33.42 -19.35 11.21
N VAL A 7 -32.22 -19.35 11.77
CA VAL A 7 -32.02 -19.60 13.20
C VAL A 7 -32.72 -18.49 14.03
N GLU A 8 -33.41 -18.87 15.10
CA GLU A 8 -34.11 -17.85 15.91
C GLU A 8 -33.27 -17.51 17.15
N LEU A 9 -33.28 -16.26 17.60
CA LEU A 9 -32.47 -15.92 18.79
C LEU A 9 -33.23 -16.51 19.98
N GLU A 10 -32.52 -17.25 20.82
CA GLU A 10 -33.17 -18.18 21.77
C GLU A 10 -33.29 -17.58 23.16
N ASP A 11 -32.46 -16.58 23.46
CA ASP A 11 -32.41 -16.06 24.83
C ASP A 11 -31.83 -14.64 24.84
N SER A 12 -31.85 -14.01 25.99
CA SER A 12 -31.37 -12.61 26.11
C SER A 12 -29.94 -12.45 25.66
N ASP A 13 -29.07 -13.39 26.07
CA ASP A 13 -27.64 -13.31 25.66
C ASP A 13 -27.47 -13.44 24.13
N ASP A 14 -28.27 -14.25 23.45
CA ASP A 14 -28.16 -14.34 21.99
C ASP A 14 -28.58 -13.02 21.37
N VAL A 15 -29.63 -12.40 21.94
CA VAL A 15 -30.06 -11.10 21.40
C VAL A 15 -28.96 -10.05 21.58
N ALA A 16 -28.32 -9.99 22.75
CA ALA A 16 -27.26 -9.00 22.98
C ALA A 16 -26.10 -9.27 22.04
N ALA A 17 -25.79 -10.55 21.87
CA ALA A 17 -24.72 -10.88 20.93
C ALA A 17 -25.06 -10.51 19.48
N ALA A 18 -26.33 -10.68 19.08
CA ALA A 18 -26.72 -10.29 17.70
C ALA A 18 -26.72 -8.78 17.56
N CYS A 19 -27.10 -8.05 18.62
CA CYS A 19 -27.04 -6.56 18.61
C CYS A 19 -25.61 -6.11 18.37
N GLU A 20 -24.68 -6.69 19.14
CA GLU A 20 -23.25 -6.34 18.97
C GLU A 20 -22.76 -6.73 17.57
N LEU A 21 -23.12 -7.92 17.11
CA LEU A 21 -22.70 -8.35 15.77
C LEU A 21 -23.21 -7.37 14.70
N ARG A 22 -24.48 -6.96 14.81
CA ARG A 22 -25.02 -6.03 13.81
C ARG A 22 -24.20 -4.73 13.82
N ALA A 23 -23.87 -4.21 14.99
CA ALA A 23 -23.05 -2.97 15.08
C ALA A 23 -21.68 -3.15 14.45
N GLN A 24 -21.10 -4.37 14.61
CA GLN A 24 -19.79 -4.64 13.94
C GLN A 24 -19.94 -4.71 12.42
N LEU A 25 -20.96 -5.42 11.92
CA LEU A 25 -21.16 -5.57 10.48
C LEU A 25 -21.38 -4.18 9.88
N ALA A 26 -22.19 -3.36 10.57
CA ALA A 26 -22.48 -1.96 10.12
C ALA A 26 -21.20 -1.14 10.05
N GLY A 27 -20.24 -1.46 10.89
CA GLY A 27 -18.99 -0.68 10.91
C GLY A 27 -17.90 -1.22 9.99
N VAL A 28 -18.14 -2.27 9.22
CA VAL A 28 -17.13 -2.80 8.30
C VAL A 28 -16.84 -1.79 7.17
N SER A 29 -17.88 -1.09 6.71
CA SER A 29 -17.65 -0.12 5.62
C SER A 29 -16.63 0.95 6.06
N ILE A 30 -16.91 1.58 7.22
CA ILE A 30 -15.93 2.59 7.58
C ILE A 30 -14.56 1.97 7.98
N ALA A 31 -14.53 0.80 8.61
CA ALA A 31 -13.24 0.13 8.90
C ALA A 31 -12.43 -0.09 7.64
N SER A 32 -13.10 -0.52 6.58
CA SER A 32 -12.37 -0.82 5.30
C SER A 32 -11.84 0.47 4.69
N GLY A 33 -12.61 1.55 4.74
CA GLY A 33 -12.06 2.81 4.20
C GLY A 33 -10.90 3.33 5.03
N ILE A 34 -10.93 3.19 6.35
CA ILE A 34 -9.78 3.53 7.20
C ILE A 34 -8.57 2.66 6.89
N LEU A 35 -8.78 1.35 6.73
CA LEU A 35 -7.63 0.50 6.38
C LEU A 35 -7.04 0.92 5.03
N LEU A 36 -7.88 1.31 4.04
CA LEU A 36 -7.41 1.59 2.65
C LEU A 36 -6.70 2.93 2.56
N ARG A 37 -7.05 3.84 3.45
CA ARG A 37 -6.65 5.26 3.33
C ARG A 37 -5.15 5.48 3.08
N PRO A 38 -4.25 4.84 3.86
CA PRO A 38 -2.83 5.13 3.60
C PRO A 38 -2.31 4.69 2.26
N ALA A 39 -2.83 3.59 1.71
CA ALA A 39 -2.40 3.12 0.39
C ALA A 39 -2.90 4.11 -0.64
N VAL A 40 -4.07 4.70 -0.48
CA VAL A 40 -4.60 5.65 -1.50
C VAL A 40 -3.74 6.95 -1.53
N ILE A 41 -3.46 7.46 -0.34
CA ILE A 41 -2.46 8.55 -0.17
C ILE A 41 -1.08 8.20 -0.79
N ARG A 42 -0.49 7.07 -0.41
N ARG A 42 -0.52 7.04 -0.41
CA ARG A 42 0.81 6.64 -0.97
CA ARG A 42 0.81 6.52 -0.87
C ARG A 42 0.79 6.54 -2.49
C ARG A 42 0.90 6.26 -2.40
N ASN A 43 -0.21 5.83 -3.00
CA ASN A 43 -0.29 5.60 -4.44
C ASN A 43 -0.30 6.94 -5.16
N ALA A 44 -0.85 7.96 -4.51
CA ALA A 44 -0.97 9.29 -5.12
C ALA A 44 0.37 10.04 -5.17
N THR A 45 1.34 9.57 -4.40
CA THR A 45 2.70 10.13 -4.45
C THR A 45 3.54 9.52 -5.58
N THR A 46 3.07 8.43 -6.18
CA THR A 46 4.05 7.66 -6.94
C THR A 46 4.44 8.28 -8.27
N GLU A 47 3.56 9.09 -8.85
CA GLU A 47 3.87 9.72 -10.12
C GLU A 47 5.00 10.73 -9.87
N PHE A 48 4.96 11.41 -8.71
CA PHE A 48 6.05 12.32 -8.29
C PHE A 48 7.41 11.59 -8.10
N SER A 49 7.39 10.44 -7.43
CA SER A 49 8.62 9.63 -7.18
C SER A 49 9.17 9.06 -8.42
N ARG A 50 8.29 8.56 -9.28
CA ARG A 50 8.65 8.08 -10.58
C ARG A 50 9.32 9.20 -11.38
N LYS A 51 8.70 10.39 -11.41
CA LYS A 51 9.28 11.53 -12.12
C LYS A 51 10.60 11.96 -11.49
N LYS A 52 10.73 11.90 -10.18
CA LYS A 52 12.02 12.24 -9.52
C LYS A 52 13.11 11.27 -10.03
N SER A 53 12.76 9.99 -10.07
CA SER A 53 13.78 8.99 -10.52
C SER A 53 14.14 9.24 -12.00
N GLU A 54 13.16 9.66 -12.83
CA GLU A 54 13.42 9.90 -14.20
C GLU A 54 14.31 11.14 -14.39
N ASP A 55 14.12 12.15 -13.53
N ASP A 55 14.14 12.14 -13.52
CA ASP A 55 14.93 13.35 -13.58
CA ASP A 55 14.94 13.34 -13.59
C ASP A 55 16.36 12.98 -13.24
C ASP A 55 16.38 13.04 -13.18
N ILE A 56 16.50 12.15 -12.20
CA ILE A 56 17.85 11.69 -11.78
C ILE A 56 18.56 10.99 -12.95
N LEU A 57 17.83 10.15 -13.68
CA LEU A 57 18.42 9.42 -14.80
C LEU A 57 18.83 10.38 -15.91
N ALA A 58 17.97 11.34 -16.21
CA ALA A 58 18.31 12.32 -17.28
C ALA A 58 19.55 13.15 -16.89
N LYS A 59 19.63 13.59 -15.60
CA LYS A 59 20.86 14.34 -15.21
C LYS A 59 22.10 13.48 -15.28
N GLY A 60 21.96 12.19 -14.90
CA GLY A 60 23.09 11.27 -14.99
C GLY A 60 23.56 11.01 -16.43
N GLY A 61 22.60 10.82 -17.32
CA GLY A 61 22.96 10.62 -18.75
C GLY A 61 23.63 11.85 -19.32
N ALA A 62 23.12 13.03 -18.98
CA ALA A 62 23.74 14.29 -19.47
C ALA A 62 25.16 14.46 -18.96
N ALA A 63 25.35 14.20 -17.66
CA ALA A 63 26.71 14.26 -17.06
C ALA A 63 27.71 13.31 -17.69
N VAL A 64 27.36 12.05 -17.89
CA VAL A 64 28.27 11.07 -18.47
C VAL A 64 28.64 11.47 -19.90
N GLU A 65 27.67 12.02 -20.62
CA GLU A 65 28.05 12.41 -21.98
C GLU A 65 28.98 13.61 -22.01
N ARG A 66 28.81 14.56 -21.11
CA ARG A 66 29.77 15.67 -20.97
C ARG A 66 31.14 15.12 -20.59
N ALA A 67 31.16 14.12 -19.70
CA ALA A 67 32.46 13.55 -19.33
C ALA A 67 33.11 12.84 -20.56
N SER A 68 32.31 12.10 -21.35
CA SER A 68 32.77 11.36 -22.54
C SER A 68 33.31 12.37 -23.56
N ALA A 69 32.61 13.51 -23.66
CA ALA A 69 33.11 14.57 -24.59
C ALA A 69 34.48 15.13 -24.16
N ALA A 70 34.70 15.25 -22.83
CA ALA A 70 36.01 15.68 -22.24
C ALA A 70 37.13 14.69 -22.54
N VAL A 71 36.84 13.39 -22.47
CA VAL A 71 37.78 12.35 -22.85
C VAL A 71 38.11 12.47 -24.35
N ASP A 72 37.08 12.65 -25.18
CA ASP A 72 37.38 12.75 -26.63
C ASP A 72 38.31 13.97 -26.85
N ARG A 73 38.06 15.09 -26.16
CA ARG A 73 38.90 16.33 -26.37
C ARG A 73 40.36 16.09 -26.11
N VAL A 74 40.67 15.14 -25.22
CA VAL A 74 42.09 14.86 -24.87
C VAL A 74 42.60 13.57 -25.52
N SER A 75 41.90 13.09 -26.54
CA SER A 75 42.25 11.80 -27.11
C SER A 75 43.65 11.85 -27.76
N GLY A 76 44.11 13.07 -28.06
CA GLY A 76 45.43 13.29 -28.73
C GLY A 76 46.57 13.36 -27.75
N LEU A 77 46.27 13.42 -26.45
CA LEU A 77 47.32 13.41 -25.43
C LEU A 77 47.74 11.98 -25.08
N ASP A 78 49.02 11.71 -24.84
CA ASP A 78 49.33 10.29 -24.65
C ASP A 78 49.04 9.81 -23.22
N LYS A 79 49.19 8.50 -23.02
CA LYS A 79 48.86 7.85 -21.76
C LYS A 79 49.56 8.43 -20.53
N THR A 80 50.67 9.13 -20.75
CA THR A 80 51.50 9.63 -19.64
C THR A 80 51.14 11.04 -19.23
N ASN A 81 50.24 11.68 -19.97
CA ASN A 81 49.95 13.07 -19.68
C ASN A 81 49.14 13.16 -18.39
N GLU A 82 49.71 13.75 -17.33
CA GLU A 82 49.06 13.79 -16.01
C GLU A 82 47.61 14.33 -16.04
N THR A 83 47.40 15.42 -16.79
CA THR A 83 46.06 16.05 -16.86
C THR A 83 45.06 15.19 -17.60
N ALA A 84 45.47 14.64 -18.74
CA ALA A 84 44.60 13.75 -19.53
C ALA A 84 44.24 12.53 -18.68
N GLN A 85 45.19 12.06 -17.88
CA GLN A 85 44.86 10.96 -16.97
C GLN A 85 43.80 11.28 -15.95
N LYS A 86 43.80 12.47 -15.37
CA LYS A 86 42.75 12.79 -14.42
C LYS A 86 41.44 12.81 -15.20
N VAL A 87 41.47 13.32 -16.44
CA VAL A 87 40.20 13.36 -17.20
C VAL A 87 39.64 11.96 -17.48
N ARG A 88 40.50 11.05 -17.94
CA ARG A 88 40.07 9.70 -18.31
C ARG A 88 39.60 8.97 -17.06
N LYS A 89 40.31 9.15 -15.95
CA LYS A 89 39.89 8.44 -14.73
C LYS A 89 38.57 8.95 -14.20
N ALA A 90 38.41 10.28 -14.18
CA ALA A 90 37.17 10.87 -13.71
C ALA A 90 35.99 10.46 -14.58
N ALA A 91 36.18 10.49 -15.91
CA ALA A 91 35.08 10.05 -16.76
C ALA A 91 34.69 8.59 -16.59
N ALA A 92 35.69 7.72 -16.31
CA ALA A 92 35.42 6.31 -16.04
C ALA A 92 34.61 6.19 -14.74
N VAL A 93 34.97 7.00 -13.75
CA VAL A 93 34.11 7.06 -12.50
C VAL A 93 32.66 7.47 -12.77
N ALA A 94 32.49 8.49 -13.63
CA ALA A 94 31.14 8.93 -13.93
C ALA A 94 30.34 7.83 -14.64
N HIS A 95 30.96 7.12 -15.60
CA HIS A 95 30.24 6.01 -16.23
C HIS A 95 29.87 4.94 -15.25
N HIS A 96 30.84 4.60 -14.38
CA HIS A 96 30.58 3.52 -13.42
C HIS A 96 29.48 3.87 -12.43
N ALA A 97 29.45 5.14 -12.03
CA ALA A 97 28.42 5.61 -11.07
C ALA A 97 27.05 5.60 -11.73
N LEU A 98 27.03 5.98 -13.04
CA LEU A 98 25.77 5.91 -13.74
C LEU A 98 25.20 4.49 -13.84
N GLU A 99 26.04 3.45 -13.96
CA GLU A 99 25.47 2.08 -13.89
C GLU A 99 24.71 1.84 -12.60
N HIS A 100 25.21 2.46 -11.51
CA HIS A 100 24.46 2.31 -10.25
C HIS A 100 23.23 3.19 -10.16
N VAL A 101 23.31 4.40 -10.70
CA VAL A 101 22.11 5.23 -10.84
C VAL A 101 21.00 4.42 -11.52
N LYS A 102 21.35 3.78 -12.64
CA LYS A 102 20.36 3.03 -13.41
C LYS A 102 19.81 1.86 -12.61
N GLU A 103 20.69 1.14 -11.88
CA GLU A 103 20.23 0.05 -11.00
C GLU A 103 19.25 0.52 -9.96
N GLU A 104 19.55 1.65 -9.31
CA GLU A 104 18.62 2.20 -8.30
C GLU A 104 17.32 2.73 -8.86
N VAL A 105 17.38 3.34 -10.02
CA VAL A 105 16.17 3.90 -10.66
C VAL A 105 15.31 2.75 -11.15
N GLU A 106 15.90 1.62 -11.56
CA GLU A 106 15.11 0.41 -11.87
C GLU A 106 14.41 -0.15 -10.66
N ILE A 107 15.07 -0.12 -9.50
CA ILE A 107 14.40 -0.53 -8.29
C ILE A 107 13.22 0.38 -7.97
N VAL A 108 13.37 1.70 -8.10
CA VAL A 108 12.30 2.67 -7.89
C VAL A 108 11.11 2.33 -8.81
N ALA A 109 11.42 2.01 -10.06
CA ALA A 109 10.33 1.70 -11.01
C ALA A 109 9.60 0.48 -10.57
N LYS A 110 10.34 -0.54 -10.09
CA LYS A 110 9.74 -1.81 -9.66
C LYS A 110 8.81 -1.55 -8.49
N LYS A 111 9.25 -0.70 -7.57
CA LYS A 111 8.43 -0.43 -6.36
C LYS A 111 7.21 0.37 -6.71
N VAL A 112 7.35 1.33 -7.61
CA VAL A 112 6.19 2.09 -8.06
C VAL A 112 5.16 1.10 -8.64
N ASN A 113 5.62 0.21 -9.51
CA ASN A 113 4.66 -0.76 -10.11
C ASN A 113 4.07 -1.69 -9.08
N GLU A 114 4.85 -2.09 -8.07
CA GLU A 114 4.32 -2.94 -7.01
C GLU A 114 3.25 -2.19 -6.23
N ILE A 115 3.48 -0.91 -5.93
CA ILE A 115 2.47 -0.14 -5.18
C ILE A 115 1.18 0.01 -5.98
N ILE A 116 1.32 0.24 -7.28
CA ILE A 116 0.12 0.42 -8.14
C ILE A 116 -0.67 -0.88 -8.09
N GLU A 117 0.00 -2.03 -8.28
CA GLU A 117 -0.72 -3.33 -8.28
C GLU A 117 -1.39 -3.64 -6.92
N LEU A 118 -0.66 -3.36 -5.83
CA LEU A 118 -1.15 -3.68 -4.47
C LEU A 118 -2.30 -2.80 -4.12
N THR A 119 -2.22 -1.54 -4.56
CA THR A 119 -3.30 -0.59 -4.19
C THR A 119 -4.58 -0.89 -4.96
N ALA A 120 -4.45 -1.30 -6.23
CA ALA A 120 -5.63 -1.73 -7.01
C ALA A 120 -6.28 -2.96 -6.38
N GLY A 121 -5.46 -3.90 -5.91
CA GLY A 121 -6.03 -5.09 -5.23
C GLY A 121 -6.68 -4.70 -3.92
N ALA A 122 -6.06 -3.82 -3.14
CA ALA A 122 -6.55 -3.42 -1.84
C ALA A 122 -7.87 -2.72 -2.04
N THR A 123 -7.95 -1.89 -3.06
CA THR A 123 -9.21 -1.19 -3.37
C THR A 123 -10.35 -2.19 -3.56
N GLU A 124 -10.08 -3.30 -4.28
CA GLU A 124 -11.08 -4.32 -4.49
C GLU A 124 -11.42 -5.03 -3.21
N HIS A 125 -10.41 -5.29 -2.35
CA HIS A 125 -10.78 -5.90 -1.04
C HIS A 125 -11.66 -4.98 -0.22
N ALA A 126 -11.41 -3.69 -0.25
CA ALA A 126 -12.21 -2.78 0.58
C ALA A 126 -13.65 -2.73 0.05
N LYS A 127 -13.83 -2.73 -1.29
CA LYS A 127 -15.15 -2.71 -1.91
C LYS A 127 -15.89 -3.97 -1.52
N GLY A 128 -15.21 -5.12 -1.58
CA GLY A 128 -15.87 -6.38 -1.20
C GLY A 128 -16.24 -6.49 0.26
N ALA A 129 -15.34 -6.01 1.15
CA ALA A 129 -15.64 -6.03 2.60
C ALA A 129 -16.85 -5.14 2.84
N LYS A 130 -16.88 -3.93 2.28
CA LYS A 130 -18.05 -3.05 2.45
C LYS A 130 -19.34 -3.67 1.94
N ALA A 131 -19.32 -4.25 0.73
CA ALA A 131 -20.57 -4.74 0.14
C ALA A 131 -21.13 -5.84 1.03
N ASN A 132 -20.23 -6.73 1.49
CA ASN A 132 -20.66 -7.90 2.29
C ASN A 132 -21.02 -7.51 3.75
N GLY A 133 -20.32 -6.55 4.34
CA GLY A 133 -20.70 -6.01 5.66
C GLY A 133 -22.02 -5.30 5.63
N ASP A 134 -22.27 -4.51 4.60
CA ASP A 134 -23.60 -3.83 4.51
C ASP A 134 -24.72 -4.82 4.30
N ALA A 135 -24.49 -5.81 3.44
CA ALA A 135 -25.56 -6.75 3.11
C ALA A 135 -25.86 -7.63 4.30
N SER A 136 -24.81 -8.16 4.93
CA SER A 136 -25.09 -8.99 6.10
C SER A 136 -25.63 -8.19 7.28
N ALA A 137 -25.30 -6.91 7.41
CA ALA A 137 -25.90 -6.12 8.48
C ALA A 137 -27.40 -6.02 8.31
N VAL A 138 -27.85 -5.87 7.06
CA VAL A 138 -29.32 -5.87 6.78
C VAL A 138 -29.92 -7.14 7.25
N LYS A 139 -29.30 -8.29 6.98
CA LYS A 139 -29.92 -9.54 7.42
C LYS A 139 -29.96 -9.79 8.95
N VAL A 140 -28.90 -9.36 9.62
CA VAL A 140 -28.89 -9.45 11.07
C VAL A 140 -29.88 -8.43 11.64
N SER A 141 -30.02 -7.24 11.03
CA SER A 141 -31.01 -6.28 11.50
C SER A 141 -32.40 -6.88 11.37
N ASN A 142 -32.65 -7.62 10.27
CA ASN A 142 -33.97 -8.27 10.10
C ASN A 142 -34.23 -9.25 11.21
N LEU A 143 -33.20 -10.04 11.56
CA LEU A 143 -33.28 -11.02 12.62
C LEU A 143 -33.62 -10.35 13.95
N LEU A 144 -33.01 -9.20 14.23
CA LEU A 144 -33.29 -8.46 15.46
C LEU A 144 -34.70 -7.83 15.46
N ALA A 145 -35.15 -7.40 14.30
CA ALA A 145 -36.55 -6.87 14.16
C ALA A 145 -37.52 -7.99 14.42
N ARG A 146 -37.25 -9.19 13.91
CA ARG A 146 -38.12 -10.33 14.22
C ARG A 146 -38.17 -10.71 15.72
N ALA A 147 -37.04 -10.62 16.42
CA ALA A 147 -36.95 -10.94 17.82
C ALA A 147 -37.85 -10.02 18.67
N LYS A 148 -38.11 -8.83 18.17
CA LYS A 148 -39.07 -7.90 18.84
C LYS A 148 -40.48 -8.47 18.86
N GLU A 149 -40.77 -9.47 18.01
CA GLU A 149 -42.08 -10.11 18.01
C GLU A 149 -42.08 -11.47 18.68
N SER A 150 -40.94 -11.86 19.26
CA SER A 150 -40.84 -13.17 19.92
C SER A 150 -41.89 -13.38 21.03
N GLU A 151 -42.36 -14.63 21.11
CA GLU A 151 -43.21 -15.10 22.21
C GLU A 151 -42.41 -15.31 23.49
N ASN A 152 -41.09 -15.43 23.37
CA ASN A 152 -40.26 -15.55 24.53
C ASN A 152 -40.10 -14.12 25.06
N GLN A 153 -40.66 -13.83 26.23
CA GLN A 153 -40.66 -12.46 26.78
C GLN A 153 -39.24 -11.89 26.98
N TYR A 154 -38.26 -12.75 27.32
CA TYR A 154 -36.89 -12.29 27.58
C TYR A 154 -36.22 -11.89 26.23
N VAL A 155 -36.45 -12.69 25.21
CA VAL A 155 -35.96 -12.37 23.86
C VAL A 155 -36.58 -11.06 23.39
N LYS A 156 -37.91 -10.96 23.54
CA LYS A 156 -38.60 -9.76 23.03
C LYS A 156 -38.09 -8.49 23.75
N GLU A 157 -37.97 -8.54 25.07
CA GLU A 157 -37.46 -7.50 25.87
C GLU A 157 -36.05 -7.10 25.47
N ALA A 158 -35.17 -8.08 25.36
CA ALA A 158 -33.83 -7.76 24.94
C ALA A 158 -33.80 -7.09 23.55
N ALA A 159 -34.65 -7.57 22.63
CA ALA A 159 -34.66 -7.02 21.27
C ALA A 159 -35.14 -5.53 21.29
N GLU A 160 -36.09 -5.23 22.18
CA GLU A 160 -36.54 -3.83 22.31
C GLU A 160 -35.45 -2.91 22.88
N GLU A 161 -34.53 -3.46 23.69
CA GLU A 161 -33.45 -2.73 24.28
C GLU A 161 -32.28 -2.59 23.29
N CYS A 162 -32.34 -3.29 22.17
CA CYS A 162 -31.23 -3.23 21.26
C CYS A 162 -31.41 -2.01 20.37
N SER A 163 -30.48 -1.08 20.45
CA SER A 163 -30.59 0.07 19.55
C SER A 163 -29.76 -0.16 18.29
N GLU A 164 -30.23 0.39 17.16
CA GLU A 164 -29.47 0.42 15.92
C GLU A 164 -28.22 1.26 16.13
N SER A 165 -27.03 0.71 15.92
CA SER A 165 -25.83 1.49 16.17
C SER A 165 -24.71 1.01 15.27
N THR A 166 -23.70 1.84 15.12
CA THR A 166 -22.53 1.44 14.31
C THR A 166 -21.35 1.42 15.22
N ASN A 167 -20.54 0.35 15.17
CA ASN A 167 -19.34 0.34 15.92
C ASN A 167 -18.21 0.87 15.04
N TYR A 168 -17.53 1.96 15.48
CA TYR A 168 -16.53 2.63 14.68
C TYR A 168 -15.13 2.07 14.88
N ASP A 169 -15.03 0.95 15.64
CA ASP A 169 -13.72 0.43 15.95
C ASP A 169 -13.59 -1.02 15.49
N VAL A 170 -14.31 -1.34 14.42
CA VAL A 170 -14.33 -2.79 13.96
C VAL A 170 -13.00 -3.17 13.35
N THR A 171 -12.58 -4.41 13.70
CA THR A 171 -11.45 -5.07 13.09
C THR A 171 -11.87 -6.48 12.69
N ALA A 172 -11.05 -7.10 11.82
CA ALA A 172 -11.36 -8.52 11.53
C ALA A 172 -11.35 -9.34 12.84
N LYS A 173 -10.46 -9.03 13.75
CA LYS A 173 -10.40 -9.72 15.02
C LYS A 173 -11.65 -9.52 15.84
N SER A 174 -12.13 -8.28 15.95
CA SER A 174 -13.32 -8.10 16.78
C SER A 174 -14.58 -8.65 16.10
N LEU A 175 -14.64 -8.64 14.77
CA LEU A 175 -15.81 -9.17 14.12
C LEU A 175 -15.83 -10.70 14.31
N ALA A 176 -14.65 -11.31 14.11
CA ALA A 176 -14.61 -12.78 14.32
C ALA A 176 -15.03 -13.15 15.73
N ALA A 177 -14.58 -12.38 16.74
CA ALA A 177 -15.01 -12.68 18.13
C ALA A 177 -16.54 -12.59 18.27
N ALA A 178 -17.13 -11.56 17.62
CA ALA A 178 -18.60 -11.33 17.72
C ALA A 178 -19.35 -12.45 17.01
N LEU A 179 -18.82 -12.94 15.90
CA LEU A 179 -19.49 -14.06 15.20
C LEU A 179 -19.40 -15.33 16.03
N ASP A 180 -18.27 -15.54 16.67
CA ASP A 180 -18.08 -16.80 17.43
C ASP A 180 -18.99 -16.87 18.63
N LYS A 181 -19.54 -15.72 19.11
CA LYS A 181 -20.53 -15.78 20.19
C LYS A 181 -21.92 -16.29 19.76
N LEU A 182 -22.17 -16.29 18.44
CA LEU A 182 -23.44 -16.74 17.86
C LEU A 182 -23.18 -17.78 16.79
N PRO A 183 -22.76 -18.97 17.21
CA PRO A 183 -22.35 -19.98 16.26
C PRO A 183 -23.49 -20.38 15.30
N GLY A 184 -24.75 -20.32 15.75
CA GLY A 184 -25.86 -20.67 14.86
C GLY A 184 -26.00 -19.68 13.72
N VAL A 185 -25.87 -18.40 14.02
CA VAL A 185 -25.92 -17.35 12.99
C VAL A 185 -24.70 -17.40 12.08
N LYS A 186 -23.53 -17.62 12.70
CA LYS A 186 -22.27 -17.68 11.94
C LYS A 186 -22.35 -18.73 10.82
N GLU A 187 -23.02 -19.86 11.13
CA GLU A 187 -23.12 -20.99 10.21
C GLU A 187 -24.38 -21.02 9.36
N ASP A 188 -25.29 -20.06 9.56
CA ASP A 188 -26.56 -20.05 8.80
C ASP A 188 -26.29 -19.80 7.30
N ASN A 189 -26.92 -20.57 6.41
CA ASN A 189 -26.64 -20.44 4.99
C ASN A 189 -26.93 -19.13 4.34
N ALA A 190 -27.79 -18.31 4.94
CA ALA A 190 -28.06 -17.00 4.36
C ALA A 190 -26.90 -16.06 4.49
N VAL A 191 -25.98 -16.36 5.37
CA VAL A 191 -24.90 -15.41 5.70
C VAL A 191 -23.53 -16.03 5.85
N LYS A 192 -23.43 -17.36 5.96
CA LYS A 192 -22.15 -17.96 6.34
C LYS A 192 -20.98 -17.56 5.43
N THR A 193 -21.20 -17.70 4.12
CA THR A 193 -20.11 -17.34 3.19
C THR A 193 -19.87 -15.84 3.12
N THR A 194 -20.92 -15.03 3.30
CA THR A 194 -20.80 -13.60 3.38
C THR A 194 -19.90 -13.17 4.55
N PHE A 195 -20.13 -13.78 5.70
CA PHE A 195 -19.29 -13.46 6.88
C PHE A 195 -17.84 -13.89 6.67
N GLN A 196 -17.59 -15.09 6.13
CA GLN A 196 -16.24 -15.52 5.86
C GLN A 196 -15.56 -14.61 4.85
N SER A 197 -16.31 -14.12 3.87
CA SER A 197 -15.70 -13.25 2.84
C SER A 197 -15.29 -11.92 3.46
N ILE A 198 -16.02 -11.43 4.46
CA ILE A 198 -15.65 -10.14 5.07
C ILE A 198 -14.31 -10.30 5.75
N LEU A 199 -14.13 -11.39 6.53
CA LEU A 199 -12.95 -11.63 7.31
C LEU A 199 -11.74 -11.81 6.34
N THR A 200 -11.94 -12.59 5.28
CA THR A 200 -10.85 -12.75 4.28
C THR A 200 -10.53 -11.43 3.58
N SER A 201 -11.55 -10.68 3.20
CA SER A 201 -11.30 -9.38 2.51
C SER A 201 -10.62 -8.39 3.43
N LEU A 202 -11.04 -8.29 4.71
CA LEU A 202 -10.36 -7.37 5.62
C LEU A 202 -8.92 -7.80 5.91
N ASP A 203 -8.67 -9.10 6.04
N ASP A 203 -8.69 -9.11 6.03
CA ASP A 203 -7.29 -9.55 6.32
CA ASP A 203 -7.32 -9.61 6.26
C ASP A 203 -6.37 -9.37 5.08
C ASP A 203 -6.44 -9.20 5.09
N ASN A 204 -6.93 -9.49 3.90
CA ASN A 204 -6.14 -9.26 2.65
C ASN A 204 -5.88 -7.76 2.47
N LEU A 205 -6.88 -6.93 2.78
CA LEU A 205 -6.77 -5.47 2.73
C LEU A 205 -5.65 -5.00 3.67
N ASP A 206 -5.68 -5.47 4.92
CA ASP A 206 -4.71 -5.08 5.93
C ASP A 206 -3.30 -5.48 5.44
N LYS A 207 -3.16 -6.70 4.94
CA LYS A 207 -1.86 -7.19 4.42
C LYS A 207 -1.37 -6.34 3.26
N ASP A 208 -2.28 -6.00 2.38
CA ASP A 208 -1.91 -5.24 1.16
C ASP A 208 -1.42 -3.85 1.51
N VAL A 209 -2.05 -3.20 2.49
CA VAL A 209 -1.69 -1.85 2.84
C VAL A 209 -0.34 -1.90 3.58
N LYS A 210 -0.13 -2.94 4.41
CA LYS A 210 1.19 -3.09 5.08
C LYS A 210 2.27 -3.25 4.00
N SER A 211 1.99 -4.09 3.01
N SER A 211 1.99 -4.07 3.01
CA SER A 211 2.93 -4.30 1.89
CA SER A 211 2.94 -4.27 1.91
C SER A 211 3.21 -2.98 1.15
C SER A 211 3.20 -2.99 1.14
N VAL A 212 2.17 -2.19 0.89
CA VAL A 212 2.35 -0.87 0.23
C VAL A 212 3.32 0.01 1.01
N GLU A 213 3.15 0.06 2.33
N GLU A 213 3.16 0.06 2.33
CA GLU A 213 3.96 0.94 3.12
CA GLU A 213 4.04 0.89 3.15
C GLU A 213 5.42 0.41 3.17
C GLU A 213 5.47 0.40 3.02
N GLN A 214 5.65 -0.91 3.10
CA GLN A 214 6.98 -1.51 3.05
C GLN A 214 7.61 -1.26 1.69
N ARG A 215 6.86 -1.49 0.59
CA ARG A 215 7.46 -1.12 -0.75
C ARG A 215 7.78 0.38 -0.84
N ALA A 216 6.99 1.24 -0.21
CA ALA A 216 7.20 2.67 -0.27
C ALA A 216 8.50 3.02 0.45
N GLU A 217 8.81 2.31 1.55
CA GLU A 217 10.09 2.57 2.31
C GLU A 217 11.24 2.12 1.39
N GLU A 218 11.07 0.97 0.76
CA GLU A 218 12.09 0.46 -0.20
C GLU A 218 12.32 1.40 -1.38
N LEU A 219 11.24 1.99 -1.88
CA LEU A 219 11.33 3.01 -2.92
C LEU A 219 12.18 4.20 -2.51
N GLU A 220 11.91 4.67 -1.30
CA GLU A 220 12.61 5.81 -0.78
C GLU A 220 14.07 5.47 -0.57
N THR A 221 14.39 4.28 -0.14
CA THR A 221 15.81 3.88 0.07
C THR A 221 16.56 3.89 -1.29
N ALA A 222 15.88 3.37 -2.30
CA ALA A 222 16.53 3.42 -3.67
C ALA A 222 16.67 4.80 -4.25
N LEU A 223 15.72 5.70 -4.04
CA LEU A 223 15.87 7.03 -4.52
C LEU A 223 17.08 7.62 -3.81
N GLU A 224 17.22 7.38 -2.49
CA GLU A 224 18.41 7.93 -1.74
C GLU A 224 19.71 7.44 -2.40
N LYS A 225 19.80 6.15 -2.69
CA LYS A 225 21.02 5.57 -3.26
C LYS A 225 21.22 6.19 -4.66
N ALA A 226 20.12 6.34 -5.41
CA ALA A 226 20.27 6.94 -6.75
C ALA A 226 20.81 8.35 -6.66
N GLU A 227 20.33 9.10 -5.64
CA GLU A 227 20.82 10.45 -5.39
C GLU A 227 22.29 10.50 -5.07
N ARG A 228 22.72 9.53 -4.27
CA ARG A 228 24.16 9.45 -3.93
C ARG A 228 25.03 9.15 -5.16
N GLN A 229 24.57 8.19 -5.95
CA GLN A 229 25.36 7.79 -7.15
C GLN A 229 25.35 8.90 -8.19
N LEU A 230 24.21 9.61 -8.32
CA LEU A 230 24.19 10.78 -9.17
C LEU A 230 25.20 11.85 -8.77
N GLU A 231 25.26 12.13 -7.47
CA GLU A 231 26.22 13.09 -6.97
C GLU A 231 27.67 12.68 -7.37
N LYS A 232 28.00 11.39 -7.21
CA LYS A 232 29.32 10.90 -7.60
C LYS A 232 29.55 11.14 -9.10
N ALA A 233 28.54 10.79 -9.90
CA ALA A 233 28.68 10.94 -11.34
C ALA A 233 28.86 12.40 -11.74
N GLU A 234 28.08 13.29 -11.10
CA GLU A 234 28.19 14.72 -11.43
C GLU A 234 29.50 15.35 -11.00
N LYS A 235 30.01 14.99 -9.84
CA LYS A 235 31.33 15.51 -9.43
C LYS A 235 32.45 14.99 -10.29
N ALA A 236 32.39 13.72 -10.66
CA ALA A 236 33.43 13.15 -11.51
C ALA A 236 33.37 13.78 -12.92
N ALA A 237 32.16 13.95 -13.43
CA ALA A 237 32.05 14.66 -14.73
C ALA A 237 32.58 16.10 -14.66
N GLU A 238 32.31 16.81 -13.58
N GLU A 238 32.30 16.80 -13.56
CA GLU A 238 32.84 18.14 -13.40
CA GLU A 238 32.82 18.14 -13.34
C GLU A 238 34.38 18.12 -13.46
C GLU A 238 34.36 18.20 -13.31
N GLU A 239 34.99 17.19 -12.71
CA GLU A 239 36.44 17.08 -12.77
C GLU A 239 36.96 16.82 -14.18
N ALA A 240 36.30 15.92 -14.90
CA ALA A 240 36.70 15.62 -16.27
C ALA A 240 36.65 16.93 -17.11
N GLU A 241 35.59 17.72 -16.98
N GLU A 241 35.58 17.72 -16.96
CA GLU A 241 35.48 18.97 -17.75
CA GLU A 241 35.41 18.97 -17.73
C GLU A 241 36.55 19.96 -17.32
C GLU A 241 36.44 20.04 -17.32
N THR A 242 36.63 20.23 -16.02
CA THR A 242 37.57 21.20 -15.50
C THR A 242 39.01 20.88 -15.92
N GLU A 243 39.43 19.62 -15.76
CA GLU A 243 40.78 19.24 -16.14
C GLU A 243 41.04 19.26 -17.64
N SER A 244 40.02 18.89 -18.41
CA SER A 244 40.06 18.95 -19.87
C SER A 244 40.37 20.39 -20.33
N SER A 245 39.73 21.37 -19.68
CA SER A 245 39.89 22.80 -20.01
C SER A 245 41.31 23.31 -19.84
N LYS A 246 42.01 22.82 -18.83
CA LYS A 246 43.44 23.10 -18.67
C LYS A 246 44.31 22.64 -19.85
N VAL A 247 43.89 21.56 -20.50
CA VAL A 247 44.63 20.89 -21.60
C VAL A 247 46.06 20.53 -21.21
#